data_1W2C
#
_entry.id   1W2C
#
_cell.length_a   72.063
_cell.length_b   97.517
_cell.length_c   191.204
_cell.angle_alpha   90.00
_cell.angle_beta   90.00
_cell.angle_gamma   90.00
#
_symmetry.space_group_name_H-M   'C 2 2 21'
#
loop_
_entity.id
_entity.type
_entity.pdbx_description
1 polymer 'INOSITOL-TRISPHOSPHATE 3-KINASE A'
2 non-polymer 'PHOSPHOAMINOPHOSPHONIC ACID-ADENYLATE ESTER'
3 non-polymer D-MYO-INOSITOL-1,4,5-TRIPHOSPHATE
4 non-polymer 'MANGANESE (II) ION'
5 non-polymer 'SULFATE ION'
6 water water
#
_entity_poly.entity_id   1
_entity_poly.type   'polypeptide(L)'
_entity_poly.pdbx_seq_one_letter_code
;SFKAAGTSGLILKRCSEPERYCLARLMADALRGCVPAFHGVVERDGESYLQLQDLLDGFDGPCVLDCKMGVRTYLEEELT
KARERPKLRKDMYKKMLAVDPEAPTEEEHAQRAVTKPRYMQWREGISSSTTLGFRIEGIKKADGSCSTDFKTTRSREQVL
RVFEEFVQGDEEVLRRYLNRLQQIRDTLEVSEFFRRHEVIGSSLLFVHDHCHRAGVWLIDFGKTTPLPDGQILDHRRPWE
EGNREDGYLLGLDNLIGILASLAER
;
_entity_poly.pdbx_strand_id   A,B
#
loop_
_chem_comp.id
_chem_comp.type
_chem_comp.name
_chem_comp.formula
ANP non-polymer 'PHOSPHOAMINOPHOSPHONIC ACID-ADENYLATE ESTER' 'C10 H17 N6 O12 P3'
I3P non-polymer D-MYO-INOSITOL-1,4,5-TRIPHOSPHATE 'C6 H15 O15 P3'
MN non-polymer 'MANGANESE (II) ION' 'Mn 2'
SO4 non-polymer 'SULFATE ION' 'O4 S -2'
#
# COMPACT_ATOMS: atom_id res chain seq x y z
N SER A 1 -2.09 1.44 -15.07
CA SER A 1 -3.21 0.80 -15.83
C SER A 1 -4.45 1.71 -16.03
N PHE A 2 -4.65 2.69 -15.15
CA PHE A 2 -5.82 3.61 -15.20
C PHE A 2 -5.50 5.10 -15.51
N LYS A 3 -6.40 5.76 -16.23
CA LYS A 3 -6.31 7.20 -16.48
C LYS A 3 -7.65 7.89 -16.39
N ALA A 4 -7.60 9.21 -16.23
CA ALA A 4 -8.79 10.03 -16.09
C ALA A 4 -9.45 10.24 -17.45
N ALA A 5 -10.77 10.06 -17.48
CA ALA A 5 -11.61 10.31 -18.65
C ALA A 5 -12.13 11.74 -18.66
N GLY A 6 -12.49 12.22 -19.84
CA GLY A 6 -13.06 13.55 -19.98
C GLY A 6 -14.46 13.62 -19.38
N THR A 7 -15.27 12.64 -19.72
CA THR A 7 -16.67 12.64 -19.33
C THR A 7 -16.79 12.43 -17.82
N SER A 8 -17.77 13.09 -17.24
CA SER A 8 -17.98 13.01 -15.80
C SER A 8 -18.37 11.57 -15.50
N GLY A 9 -17.89 11.04 -14.38
CA GLY A 9 -18.35 9.75 -13.87
C GLY A 9 -17.74 8.53 -14.53
N LEU A 10 -16.77 8.74 -15.43
CA LEU A 10 -16.12 7.65 -16.18
C LEU A 10 -14.64 7.55 -15.84
N ILE A 11 -14.01 6.48 -16.29
CA ILE A 11 -12.61 6.17 -16.01
C ILE A 11 -12.07 5.28 -17.14
N LEU A 12 -10.79 5.46 -17.47
CA LEU A 12 -10.13 4.72 -18.56
C LEU A 12 -9.18 3.67 -18.03
N LYS A 13 -9.26 2.47 -18.59
CA LYS A 13 -8.38 1.39 -18.25
C LYS A 13 -7.72 0.92 -19.55
N ARG A 14 -6.40 0.70 -19.52
CA ARG A 14 -5.67 0.20 -20.70
C ARG A 14 -6.41 -1.03 -21.27
N CYS A 15 -6.72 -0.98 -22.54
CA CYS A 15 -7.46 -2.06 -23.22
C CYS A 15 -6.60 -3.33 -23.39
N SER A 16 -7.26 -4.47 -23.20
CA SER A 16 -6.69 -5.82 -23.33
C SER A 16 -7.78 -6.59 -24.04
N GLU A 17 -7.41 -7.51 -24.91
CA GLU A 17 -8.40 -8.09 -25.82
C GLU A 17 -9.38 -9.01 -25.12
N PRO A 18 -8.88 -9.84 -24.18
CA PRO A 18 -9.80 -10.67 -23.43
C PRO A 18 -10.78 -9.78 -22.67
N GLU A 19 -10.29 -8.74 -21.99
CA GLU A 19 -11.19 -7.92 -21.16
C GLU A 19 -12.22 -7.20 -22.01
N ARG A 20 -11.81 -6.70 -23.17
CA ARG A 20 -12.74 -5.97 -24.05
C ARG A 20 -13.83 -6.89 -24.55
N TYR A 21 -13.45 -8.09 -24.95
CA TYR A 21 -14.39 -9.13 -25.33
C TYR A 21 -15.38 -9.44 -24.18
N CYS A 22 -14.86 -9.61 -22.96
CA CYS A 22 -15.73 -9.96 -21.83
C CYS A 22 -16.74 -8.89 -21.51
N LEU A 23 -16.29 -7.64 -21.41
CA LEU A 23 -17.18 -6.51 -21.05
C LEU A 23 -18.26 -6.28 -22.05
N ALA A 24 -17.94 -6.47 -23.33
CA ALA A 24 -18.94 -6.39 -24.37
C ALA A 24 -20.05 -7.44 -24.21
N ARG A 25 -19.66 -8.69 -24.01
CA ARG A 25 -20.62 -9.73 -23.78
C ARG A 25 -21.47 -9.39 -22.52
N LEU A 26 -20.82 -8.93 -21.47
CA LEU A 26 -21.44 -8.72 -20.16
C LEU A 26 -22.53 -7.65 -20.19
N MET A 27 -22.38 -6.60 -21.01
CA MET A 27 -23.43 -5.55 -21.16
C MET A 27 -24.74 -6.12 -21.68
N ALA A 28 -24.66 -7.28 -22.37
CA ALA A 28 -25.85 -7.96 -22.92
C ALA A 28 -26.21 -9.20 -22.11
N ASP A 29 -25.61 -9.34 -20.94
CA ASP A 29 -25.77 -10.56 -20.17
C ASP A 29 -26.59 -10.25 -18.93
N ALA A 30 -27.07 -11.29 -18.27
CA ALA A 30 -27.74 -11.12 -16.97
C ALA A 30 -26.87 -10.33 -15.99
N LEU A 31 -25.54 -10.45 -16.13
CA LEU A 31 -24.60 -9.83 -15.19
C LEU A 31 -24.31 -8.37 -15.43
N ARG A 32 -25.00 -7.79 -16.39
CA ARG A 32 -24.79 -6.41 -16.81
C ARG A 32 -24.70 -5.43 -15.65
N GLY A 33 -25.65 -5.51 -14.73
CA GLY A 33 -25.69 -4.65 -13.56
C GLY A 33 -24.69 -4.92 -12.46
N CYS A 34 -23.98 -6.05 -12.56
CA CYS A 34 -23.04 -6.58 -11.58
C CYS A 34 -21.61 -6.24 -11.91
N VAL A 35 -21.40 -5.47 -12.99
CA VAL A 35 -20.08 -5.11 -13.50
C VAL A 35 -20.13 -3.60 -13.88
N PRO A 36 -18.98 -2.92 -13.96
CA PRO A 36 -18.98 -1.52 -14.41
C PRO A 36 -19.55 -1.43 -15.83
N ALA A 37 -20.35 -0.40 -16.07
CA ALA A 37 -20.82 -0.06 -17.40
C ALA A 37 -19.62 0.06 -18.31
N PHE A 38 -19.72 -0.52 -19.49
CA PHE A 38 -18.66 -0.44 -20.49
C PHE A 38 -19.20 0.35 -21.68
N HIS A 39 -18.52 1.44 -22.00
CA HIS A 39 -19.01 2.39 -23.01
C HIS A 39 -18.26 2.36 -24.33
N GLY A 40 -17.32 1.43 -24.46
CA GLY A 40 -16.53 1.30 -25.67
C GLY A 40 -15.07 1.60 -25.44
N VAL A 41 -14.34 1.68 -26.53
CA VAL A 41 -12.93 1.97 -26.50
C VAL A 41 -12.65 3.35 -27.10
N VAL A 42 -11.63 4.01 -26.56
CA VAL A 42 -11.13 5.31 -27.06
C VAL A 42 -9.60 5.31 -27.06
N GLU A 43 -9.00 6.12 -27.95
CA GLU A 43 -7.53 6.22 -28.07
C GLU A 43 -7.03 7.47 -27.32
N ARG A 44 -5.96 7.32 -26.53
CA ARG A 44 -5.23 8.48 -25.95
C ARG A 44 -3.72 8.24 -25.97
N ASP A 45 -2.97 9.21 -26.51
CA ASP A 45 -1.50 9.08 -26.57
C ASP A 45 -1.10 7.83 -27.38
N GLY A 46 -1.83 7.58 -28.47
CA GLY A 46 -1.60 6.43 -29.34
C GLY A 46 -1.79 5.06 -28.70
N GLU A 47 -2.72 4.92 -27.76
CA GLU A 47 -2.98 3.63 -27.12
C GLU A 47 -4.46 3.47 -26.77
N SER A 48 -4.96 2.22 -26.81
CA SER A 48 -6.37 1.90 -26.59
C SER A 48 -6.79 1.86 -25.11
N TYR A 49 -7.94 2.45 -24.79
CA TYR A 49 -8.50 2.38 -23.42
C TYR A 49 -9.98 2.03 -23.40
N LEU A 50 -10.35 1.12 -22.51
CA LEU A 50 -11.75 0.92 -22.18
C LEU A 50 -12.32 2.12 -21.43
N GLN A 51 -13.50 2.57 -21.85
CA GLN A 51 -14.23 3.60 -21.16
C GLN A 51 -15.20 2.92 -20.17
N LEU A 52 -14.90 3.02 -18.87
CA LEU A 52 -15.67 2.39 -17.80
C LEU A 52 -16.33 3.40 -16.85
N GLN A 53 -17.52 3.03 -16.39
CA GLN A 53 -18.06 3.62 -15.19
C GLN A 53 -17.01 3.63 -14.09
N ASP A 54 -16.88 4.77 -13.45
CA ASP A 54 -16.13 4.94 -12.21
C ASP A 54 -17.09 4.57 -11.10
N LEU A 55 -16.85 3.39 -10.55
CA LEU A 55 -17.66 2.80 -9.49
C LEU A 55 -17.64 3.61 -8.18
N LEU A 56 -16.60 4.43 -7.97
CA LEU A 56 -16.53 5.35 -6.82
C LEU A 56 -17.37 6.62 -6.92
N ASP A 57 -17.89 6.94 -8.10
CA ASP A 57 -18.54 8.22 -8.38
C ASP A 57 -19.76 8.59 -7.50
N GLY A 58 -20.61 7.62 -7.16
CA GLY A 58 -21.72 7.92 -6.27
C GLY A 58 -21.41 8.13 -4.79
N PHE A 59 -20.18 7.86 -4.37
CA PHE A 59 -19.84 7.74 -2.98
C PHE A 59 -19.15 8.99 -2.40
N ASP A 60 -19.32 9.21 -1.11
CA ASP A 60 -18.66 10.33 -0.43
C ASP A 60 -17.48 9.83 0.44
N GLY A 61 -16.27 9.89 -0.12
CA GLY A 61 -15.05 9.41 0.55
C GLY A 61 -15.08 7.91 0.70
N PRO A 62 -15.09 7.20 -0.43
CA PRO A 62 -15.28 5.76 -0.38
C PRO A 62 -14.13 4.95 0.20
N CYS A 63 -14.51 3.94 0.98
CA CYS A 63 -13.73 2.82 1.44
C CYS A 63 -13.89 1.72 0.37
N VAL A 64 -12.79 1.06 0.00
CA VAL A 64 -12.76 0.07 -1.07
C VAL A 64 -12.01 -1.18 -0.61
N LEU A 65 -12.60 -2.34 -0.84
CA LEU A 65 -11.92 -3.58 -0.61
C LEU A 65 -12.01 -4.42 -1.89
N ASP A 66 -10.86 -4.93 -2.32
CA ASP A 66 -10.72 -5.77 -3.50
C ASP A 66 -10.44 -7.22 -3.06
N CYS A 67 -11.30 -8.12 -3.52
CA CYS A 67 -11.27 -9.51 -3.19
C CYS A 67 -11.06 -10.32 -4.50
N LYS A 68 -9.90 -11.01 -4.63
CA LYS A 68 -9.61 -11.84 -5.83
C LYS A 68 -10.37 -13.13 -5.71
N MET A 69 -11.22 -13.41 -6.70
CA MET A 69 -12.10 -14.56 -6.63
C MET A 69 -11.52 -15.81 -7.34
N GLY A 70 -11.66 -16.94 -6.69
CA GLY A 70 -11.37 -18.24 -7.28
C GLY A 70 -10.37 -19.04 -6.49
N VAL A 71 -10.41 -20.36 -6.64
CA VAL A 71 -9.41 -21.19 -5.99
C VAL A 71 -8.13 -21.22 -6.81
N ARG A 72 -8.24 -20.91 -8.08
CA ARG A 72 -7.10 -20.90 -8.97
C ARG A 72 -7.01 -19.50 -9.55
N THR A 73 -5.79 -19.02 -9.72
CA THR A 73 -5.56 -17.62 -10.11
C THR A 73 -4.67 -17.45 -11.34
N TYR A 74 -4.41 -18.54 -12.03
CA TYR A 74 -3.67 -18.51 -13.31
C TYR A 74 -4.39 -19.43 -14.32
N LEU A 75 -4.24 -19.13 -15.62
CA LEU A 75 -4.77 -20.00 -16.67
C LEU A 75 -4.00 -21.33 -16.76
N GLU A 76 -4.69 -22.39 -17.14
CA GLU A 76 -4.07 -23.69 -17.43
C GLU A 76 -2.98 -23.64 -18.49
N GLU A 77 -3.10 -22.71 -19.44
CA GLU A 77 -2.08 -22.57 -20.48
C GLU A 77 -0.72 -22.12 -19.90
N GLU A 78 -0.75 -21.44 -18.75
CA GLU A 78 0.51 -21.08 -18.07
C GLU A 78 1.28 -22.30 -17.57
N LEU A 79 0.57 -23.33 -17.13
CA LEU A 79 1.19 -24.62 -16.74
C LEU A 79 1.86 -25.31 -17.89
N THR A 80 1.16 -25.36 -19.02
CA THR A 80 1.71 -25.88 -20.28
C THR A 80 2.99 -25.14 -20.62
N LYS A 81 2.92 -23.81 -20.64
CA LYS A 81 4.06 -22.96 -20.99
C LYS A 81 5.26 -23.16 -20.05
N ALA A 82 4.99 -23.37 -18.76
CA ALA A 82 6.05 -23.49 -17.76
C ALA A 82 6.82 -24.79 -17.89
N ARG A 83 6.22 -25.76 -18.57
CA ARG A 83 6.85 -27.05 -18.79
C ARG A 83 7.75 -27.05 -19.99
N GLU A 84 7.19 -26.61 -21.11
CA GLU A 84 7.88 -26.61 -22.39
C GLU A 84 8.92 -25.51 -22.50
N ARG A 85 8.69 -24.40 -21.79
CA ARG A 85 9.40 -23.15 -22.02
C ARG A 85 9.32 -22.21 -20.81
N PRO A 86 9.85 -22.63 -19.65
CA PRO A 86 9.75 -21.81 -18.44
C PRO A 86 10.42 -20.44 -18.53
N LYS A 87 9.66 -19.42 -18.14
CA LYS A 87 10.15 -18.04 -18.03
C LYS A 87 10.50 -17.80 -16.55
N LEU A 88 11.78 -17.77 -16.22
CA LEU A 88 12.16 -17.70 -14.82
C LEU A 88 12.00 -16.28 -14.29
N ARG A 89 11.40 -16.18 -13.11
CA ARG A 89 10.98 -14.89 -12.55
C ARG A 89 11.71 -14.69 -11.23
N LYS A 90 12.70 -13.79 -11.23
CA LYS A 90 13.53 -13.59 -10.03
C LYS A 90 12.83 -12.82 -8.92
N ASP A 91 12.02 -11.82 -9.25
CA ASP A 91 11.22 -11.09 -8.24
C ASP A 91 10.29 -11.99 -7.41
N MET A 92 9.62 -12.92 -8.11
CA MET A 92 8.72 -13.86 -7.46
C MET A 92 9.51 -14.75 -6.49
N TYR A 93 10.78 -15.05 -6.82
CA TYR A 93 11.63 -15.80 -5.90
C TYR A 93 11.81 -15.05 -4.55
N LYS A 94 12.14 -13.76 -4.59
CA LYS A 94 12.51 -13.02 -3.34
C LYS A 94 11.37 -12.87 -2.32
N LYS A 95 10.16 -12.68 -2.81
CA LYS A 95 8.96 -12.64 -1.97
C LYS A 95 8.80 -13.95 -1.17
N MET A 96 8.93 -15.07 -1.85
CA MET A 96 8.88 -16.39 -1.21
C MET A 96 9.80 -16.49 -0.02
N LEU A 97 11.08 -16.20 -0.24
CA LEU A 97 12.06 -16.22 0.86
C LEU A 97 11.70 -15.30 2.03
N ALA A 98 10.98 -14.20 1.74
CA ALA A 98 10.47 -13.27 2.75
C ALA A 98 9.37 -13.90 3.61
N VAL A 99 8.28 -14.33 2.96
CA VAL A 99 7.20 -14.99 3.68
C VAL A 99 7.75 -16.31 4.28
N ASP A 100 8.35 -17.15 3.44
CA ASP A 100 8.87 -18.46 3.88
C ASP A 100 10.22 -18.84 3.26
N PRO A 101 11.29 -18.79 4.07
CA PRO A 101 12.62 -19.21 3.60
C PRO A 101 12.70 -20.67 3.16
N GLU A 102 11.95 -21.56 3.78
CA GLU A 102 11.90 -22.98 3.36
C GLU A 102 10.96 -23.31 2.20
N ALA A 103 10.29 -22.29 1.63
CA ALA A 103 9.30 -22.49 0.57
C ALA A 103 9.91 -22.92 -0.77
N PRO A 104 10.84 -22.12 -1.33
CA PRO A 104 11.55 -22.55 -2.54
C PRO A 104 12.26 -23.91 -2.33
N THR A 105 12.34 -24.67 -3.42
CA THR A 105 13.13 -25.89 -3.47
C THR A 105 14.61 -25.55 -3.55
N GLU A 106 15.44 -26.56 -3.26
CA GLU A 106 16.90 -26.45 -3.48
C GLU A 106 17.20 -25.90 -4.88
N GLU A 107 16.48 -26.37 -5.91
CA GLU A 107 16.72 -25.94 -7.31
C GLU A 107 16.26 -24.51 -7.57
N GLU A 108 15.15 -24.13 -6.94
CA GLU A 108 14.68 -22.75 -7.04
C GLU A 108 15.66 -21.81 -6.40
N HIS A 109 16.13 -22.16 -5.20
CA HIS A 109 17.20 -21.43 -4.49
C HIS A 109 18.44 -21.27 -5.37
N ALA A 110 18.81 -22.34 -6.05
CA ALA A 110 19.96 -22.29 -6.96
C ALA A 110 19.72 -21.42 -8.21
N GLN A 111 18.47 -21.36 -8.71
CA GLN A 111 18.09 -20.57 -9.89
C GLN A 111 17.83 -19.09 -9.51
N ARG A 112 17.62 -18.83 -8.22
CA ARG A 112 17.01 -17.59 -7.69
C ARG A 112 15.76 -17.12 -8.43
N ALA A 113 14.95 -18.07 -8.87
CA ALA A 113 13.80 -17.72 -9.69
C ALA A 113 12.82 -18.88 -9.73
N VAL A 114 11.54 -18.56 -9.92
CA VAL A 114 10.49 -19.58 -9.97
C VAL A 114 9.65 -19.37 -11.23
N THR A 115 8.87 -20.37 -11.62
CA THR A 115 7.85 -20.16 -12.67
C THR A 115 6.67 -19.38 -12.06
N LYS A 116 5.96 -18.64 -12.91
CA LYS A 116 4.73 -17.94 -12.52
C LYS A 116 3.69 -18.86 -11.88
N PRO A 117 3.27 -19.93 -12.55
CA PRO A 117 2.35 -20.90 -11.93
C PRO A 117 2.80 -21.43 -10.57
N ARG A 118 4.09 -21.70 -10.43
CA ARG A 118 4.61 -22.07 -9.13
C ARG A 118 4.39 -20.93 -8.11
N TYR A 119 4.73 -19.71 -8.48
CA TYR A 119 4.55 -18.53 -7.62
C TYR A 119 3.06 -18.29 -7.23
N MET A 120 2.19 -18.42 -8.22
CA MET A 120 0.76 -18.21 -8.04
C MET A 120 0.18 -19.32 -7.14
N GLN A 121 0.62 -20.57 -7.30
CA GLN A 121 0.14 -21.67 -6.42
C GLN A 121 0.52 -21.49 -4.94
N TRP A 122 1.75 -21.06 -4.70
CA TRP A 122 2.20 -20.87 -3.34
C TRP A 122 1.37 -19.72 -2.70
N ARG A 123 1.14 -18.67 -3.47
CA ARG A 123 0.33 -17.51 -3.05
C ARG A 123 -1.07 -17.91 -2.71
N GLU A 124 -1.63 -18.82 -3.50
CA GLU A 124 -2.96 -19.33 -3.22
C GLU A 124 -3.00 -20.09 -1.90
N GLY A 125 -1.89 -20.74 -1.54
CA GLY A 125 -1.88 -21.67 -0.41
C GLY A 125 -1.60 -21.00 0.92
N ILE A 126 -0.88 -19.87 0.91
CA ILE A 126 -0.57 -19.15 2.16
C ILE A 126 -1.65 -18.13 2.48
N SER A 127 -2.43 -17.79 1.46
CA SER A 127 -3.66 -17.03 1.61
C SER A 127 -4.87 -17.96 1.72
N SER A 128 -6.06 -17.35 1.67
CA SER A 128 -7.29 -18.12 1.70
C SER A 128 -7.75 -18.67 0.35
N SER A 129 -7.05 -18.38 -0.73
CA SER A 129 -7.54 -18.79 -2.05
C SER A 129 -7.81 -20.30 -2.17
N THR A 130 -6.86 -21.14 -1.74
CA THR A 130 -6.99 -22.59 -1.94
C THR A 130 -8.15 -23.17 -1.12
N THR A 131 -8.23 -22.77 0.14
CA THR A 131 -9.17 -23.36 1.07
C THR A 131 -10.58 -22.75 0.98
N LEU A 132 -10.66 -21.43 0.76
CA LEU A 132 -11.94 -20.68 0.74
C LEU A 132 -12.40 -20.20 -0.63
N GLY A 133 -11.50 -20.19 -1.63
CA GLY A 133 -11.89 -19.82 -2.98
C GLY A 133 -11.95 -18.34 -3.27
N PHE A 134 -11.37 -17.54 -2.38
CA PHE A 134 -11.14 -16.11 -2.61
C PHE A 134 -10.03 -15.63 -1.67
N ARG A 135 -9.54 -14.42 -1.91
CA ARG A 135 -8.68 -13.78 -0.94
C ARG A 135 -8.78 -12.30 -0.98
N ILE A 136 -8.46 -11.69 0.15
CA ILE A 136 -8.43 -10.25 0.20
C ILE A 136 -7.09 -9.75 -0.36
N GLU A 137 -7.14 -8.81 -1.31
CA GLU A 137 -5.94 -8.25 -1.92
C GLU A 137 -5.50 -6.88 -1.37
N GLY A 138 -6.48 -6.05 -1.06
CA GLY A 138 -6.21 -4.70 -0.62
C GLY A 138 -7.41 -3.92 -0.12
N ILE A 139 -7.11 -2.92 0.69
CA ILE A 139 -8.12 -2.00 1.16
C ILE A 139 -7.63 -0.57 0.95
N LYS A 140 -8.53 0.27 0.47
CA LYS A 140 -8.22 1.66 0.22
C LYS A 140 -9.23 2.46 0.97
N LYS A 141 -8.79 3.63 1.37
CA LYS A 141 -9.71 4.56 1.96
C LYS A 141 -9.56 5.91 1.32
N ALA A 142 -10.51 6.75 1.67
CA ALA A 142 -10.40 8.17 1.42
C ALA A 142 -9.70 8.79 2.66
N ASP A 143 -9.86 8.16 3.86
CA ASP A 143 -8.89 8.30 5.01
C ASP A 143 -7.43 8.40 4.46
N GLY A 144 -7.26 7.86 3.25
CA GLY A 144 -6.07 8.04 2.44
C GLY A 144 -5.29 6.76 2.51
N SER A 145 -5.54 6.03 3.60
CA SER A 145 -4.75 4.90 3.95
C SER A 145 -5.14 3.73 3.09
N CYS A 146 -4.13 3.09 2.54
CA CYS A 146 -4.29 1.84 1.82
C CYS A 146 -3.36 0.77 2.37
N SER A 147 -3.78 -0.47 2.21
CA SER A 147 -2.99 -1.63 2.61
C SER A 147 -3.17 -2.77 1.65
N THR A 148 -2.07 -3.44 1.32
CA THR A 148 -2.10 -4.68 0.57
C THR A 148 -1.47 -5.77 1.41
N ASP A 149 -1.40 -5.57 2.73
CA ASP A 149 -0.65 -6.46 3.63
C ASP A 149 -1.49 -7.66 4.07
N PHE A 150 -1.92 -8.45 3.08
CA PHE A 150 -2.87 -9.55 3.31
C PHE A 150 -2.39 -10.88 2.77
N LYS A 151 -1.09 -11.02 2.51
CA LYS A 151 -0.59 -12.23 1.84
C LYS A 151 -0.71 -13.52 2.68
N THR A 152 -0.79 -13.42 4.00
CA THR A 152 -0.96 -14.61 4.85
C THR A 152 -2.28 -14.58 5.56
N THR A 153 -3.25 -13.85 5.02
CA THR A 153 -4.59 -13.83 5.56
C THR A 153 -5.26 -15.05 4.94
N ARG A 154 -5.57 -16.05 5.76
CA ARG A 154 -5.93 -17.40 5.28
C ARG A 154 -7.15 -18.01 6.03
N SER A 155 -7.15 -17.98 7.34
CA SER A 155 -8.23 -18.59 8.10
C SER A 155 -9.55 -17.82 7.90
N ARG A 156 -10.64 -18.54 8.00
CA ARG A 156 -11.96 -17.95 7.89
C ARG A 156 -12.12 -16.77 8.85
N GLU A 157 -11.60 -16.97 10.04
CA GLU A 157 -11.66 -15.97 11.07
C GLU A 157 -10.74 -14.77 10.82
N GLN A 158 -9.53 -15.00 10.30
CA GLN A 158 -8.68 -13.88 9.86
C GLN A 158 -9.40 -13.04 8.80
N VAL A 159 -10.05 -13.70 7.87
CA VAL A 159 -10.80 -12.99 6.82
C VAL A 159 -11.97 -12.16 7.42
N LEU A 160 -12.75 -12.78 8.28
CA LEU A 160 -13.82 -12.11 9.02
C LEU A 160 -13.29 -10.85 9.70
N ARG A 161 -12.17 -10.97 10.39
CA ARG A 161 -11.61 -9.84 11.10
C ARG A 161 -11.22 -8.70 10.16
N VAL A 162 -10.76 -9.00 8.96
CA VAL A 162 -10.48 -7.93 8.01
C VAL A 162 -11.78 -7.18 7.60
N PHE A 163 -12.83 -7.93 7.24
CA PHE A 163 -14.12 -7.31 6.95
C PHE A 163 -14.71 -6.57 8.15
N GLU A 164 -14.56 -7.10 9.36
CA GLU A 164 -14.99 -6.43 10.61
C GLU A 164 -14.37 -5.08 10.75
N GLU A 165 -13.07 -4.98 10.51
CA GLU A 165 -12.33 -3.71 10.54
C GLU A 165 -12.74 -2.76 9.37
N PHE A 166 -12.99 -3.35 8.18
CA PHE A 166 -13.35 -2.60 7.00
C PHE A 166 -14.72 -1.93 7.17
N VAL A 167 -15.70 -2.61 7.75
CA VAL A 167 -17.07 -2.01 7.88
C VAL A 167 -17.24 -1.13 9.15
N GLN A 168 -16.31 -1.26 10.09
CA GLN A 168 -16.24 -0.41 11.30
C GLN A 168 -17.58 -0.31 12.01
N GLY A 169 -18.24 -1.44 12.20
CA GLY A 169 -19.50 -1.47 12.94
C GLY A 169 -20.72 -0.88 12.25
N ASP A 170 -20.67 -0.65 10.95
CA ASP A 170 -21.81 -0.08 10.23
C ASP A 170 -22.70 -1.23 9.81
N GLU A 171 -23.79 -1.41 10.55
CA GLU A 171 -24.71 -2.52 10.30
C GLU A 171 -25.44 -2.41 8.95
N GLU A 172 -25.67 -1.18 8.51
CA GLU A 172 -26.42 -0.92 7.29
C GLU A 172 -25.52 -1.27 6.08
N VAL A 173 -24.25 -0.88 6.15
CA VAL A 173 -23.30 -1.26 5.10
C VAL A 173 -23.21 -2.76 4.98
N LEU A 174 -23.08 -3.45 6.09
CA LEU A 174 -22.92 -4.89 6.05
C LEU A 174 -24.18 -5.58 5.50
N ARG A 175 -25.34 -5.09 5.89
CA ARG A 175 -26.60 -5.68 5.44
C ARG A 175 -26.74 -5.49 3.91
N ARG A 176 -26.41 -4.29 3.45
CA ARG A 176 -26.37 -3.99 2.03
C ARG A 176 -25.39 -4.81 1.21
N TYR A 177 -24.18 -4.91 1.71
CA TYR A 177 -23.20 -5.80 1.09
C TYR A 177 -23.77 -7.22 0.98
N LEU A 178 -24.41 -7.71 2.02
CA LEU A 178 -24.88 -9.08 1.98
C LEU A 178 -26.00 -9.23 0.97
N ASN A 179 -26.91 -8.25 0.98
CA ASN A 179 -28.02 -8.26 0.06
C ASN A 179 -27.48 -8.24 -1.36
N ARG A 180 -26.43 -7.43 -1.60
CA ARG A 180 -25.91 -7.33 -2.94
C ARG A 180 -25.21 -8.66 -3.33
N LEU A 181 -24.47 -9.28 -2.42
CA LEU A 181 -23.80 -10.54 -2.75
C LEU A 181 -24.77 -11.66 -3.03
N GLN A 182 -25.88 -11.72 -2.28
CA GLN A 182 -26.94 -12.71 -2.54
C GLN A 182 -27.51 -12.55 -3.95
N GLN A 183 -27.75 -11.30 -4.37
CA GLN A 183 -28.35 -11.00 -5.67
C GLN A 183 -27.32 -11.29 -6.78
N ILE A 184 -26.06 -11.02 -6.51
CA ILE A 184 -24.98 -11.34 -7.47
C ILE A 184 -24.87 -12.87 -7.61
N ARG A 185 -24.90 -13.60 -6.52
CA ARG A 185 -24.85 -15.06 -6.61
C ARG A 185 -25.99 -15.59 -7.46
N ASP A 186 -27.17 -15.06 -7.25
CA ASP A 186 -28.34 -15.48 -8.06
C ASP A 186 -28.21 -15.22 -9.58
N THR A 187 -27.75 -14.04 -9.93
CA THR A 187 -27.39 -13.67 -11.31
C THR A 187 -26.30 -14.55 -11.90
N LEU A 188 -25.22 -14.75 -11.19
CA LEU A 188 -24.14 -15.64 -11.66
C LEU A 188 -24.72 -17.05 -11.99
N GLU A 189 -25.61 -17.53 -11.15
CA GLU A 189 -26.13 -18.90 -11.33
C GLU A 189 -27.08 -19.06 -12.53
N VAL A 190 -27.55 -17.97 -13.11
CA VAL A 190 -28.36 -18.07 -14.35
C VAL A 190 -27.69 -17.40 -15.56
N SER A 191 -26.53 -16.79 -15.33
CA SER A 191 -25.84 -16.06 -16.38
C SER A 191 -25.31 -17.04 -17.45
N GLU A 192 -25.62 -16.72 -18.70
CA GLU A 192 -25.12 -17.46 -19.85
C GLU A 192 -23.60 -17.25 -20.04
N PHE A 193 -23.13 -16.00 -19.93
CA PHE A 193 -21.70 -15.73 -19.85
C PHE A 193 -20.97 -16.58 -18.81
N PHE A 194 -21.44 -16.57 -17.55
CA PHE A 194 -20.71 -17.25 -16.47
C PHE A 194 -20.59 -18.80 -16.69
N ARG A 195 -21.63 -19.45 -17.17
CA ARG A 195 -21.56 -20.92 -17.33
C ARG A 195 -20.63 -21.29 -18.45
N ARG A 196 -20.42 -20.38 -19.40
CA ARG A 196 -19.52 -20.64 -20.54
C ARG A 196 -18.12 -19.98 -20.50
N HIS A 197 -17.75 -19.37 -19.38
CA HIS A 197 -16.42 -18.83 -19.25
C HIS A 197 -15.74 -19.30 -17.96
N GLU A 198 -14.43 -19.43 -18.07
CA GLU A 198 -13.52 -19.70 -17.00
C GLU A 198 -13.12 -18.33 -16.46
N VAL A 199 -13.47 -18.05 -15.22
CA VAL A 199 -13.27 -16.71 -14.64
C VAL A 199 -12.12 -16.76 -13.64
N ILE A 200 -10.95 -16.36 -14.12
CA ILE A 200 -9.72 -16.38 -13.37
C ILE A 200 -9.19 -14.97 -13.26
N GLY A 201 -8.70 -14.63 -12.08
CA GLY A 201 -8.00 -13.37 -11.88
C GLY A 201 -8.91 -12.17 -11.69
N SER A 202 -10.25 -12.38 -11.65
CA SER A 202 -11.19 -11.28 -11.42
C SER A 202 -11.41 -11.11 -9.90
N SER A 203 -11.99 -9.98 -9.56
CA SER A 203 -12.26 -9.58 -8.20
C SER A 203 -13.69 -9.12 -8.04
N LEU A 204 -14.10 -9.11 -6.78
CA LEU A 204 -15.28 -8.42 -6.33
C LEU A 204 -14.76 -7.20 -5.60
N LEU A 205 -15.23 -6.04 -6.03
CA LEU A 205 -14.84 -4.78 -5.45
C LEU A 205 -16.01 -4.32 -4.55
N PHE A 206 -15.73 -4.23 -3.23
CA PHE A 206 -16.67 -3.69 -2.24
C PHE A 206 -16.39 -2.22 -2.03
N VAL A 207 -17.42 -1.38 -2.12
CA VAL A 207 -17.31 0.05 -1.96
C VAL A 207 -18.40 0.55 -1.01
N HIS A 208 -18.01 1.29 0.04
CA HIS A 208 -18.95 1.97 0.92
C HIS A 208 -18.48 3.33 1.37
N ASP A 209 -19.41 4.10 1.95
CA ASP A 209 -19.04 5.39 2.54
C ASP A 209 -19.73 5.66 3.91
N HIS A 210 -19.41 6.77 4.55
CA HIS A 210 -19.91 7.07 5.90
C HIS A 210 -21.39 7.44 5.84
N CYS A 211 -21.93 7.67 4.62
CA CYS A 211 -23.40 7.82 4.42
C CYS A 211 -24.15 6.50 4.33
N HIS A 212 -23.44 5.39 4.48
CA HIS A 212 -23.99 4.04 4.51
C HIS A 212 -24.32 3.46 3.12
N ARG A 213 -23.94 4.18 2.05
CA ARG A 213 -24.01 3.66 0.69
C ARG A 213 -23.04 2.52 0.53
N ALA A 214 -23.47 1.41 -0.07
CA ALA A 214 -22.65 0.22 -0.23
C ALA A 214 -22.95 -0.37 -1.60
N GLY A 215 -21.93 -0.77 -2.33
CA GLY A 215 -22.10 -1.46 -3.59
C GLY A 215 -21.02 -2.53 -3.75
N VAL A 216 -21.29 -3.51 -4.60
CA VAL A 216 -20.27 -4.49 -4.93
C VAL A 216 -20.39 -4.81 -6.44
N TRP A 217 -19.25 -4.87 -7.12
CA TRP A 217 -19.21 -5.23 -8.53
C TRP A 217 -18.09 -6.21 -8.85
N LEU A 218 -18.28 -7.02 -9.89
CA LEU A 218 -17.22 -7.88 -10.45
C LEU A 218 -16.37 -7.01 -11.32
N ILE A 219 -15.04 -7.09 -11.19
CA ILE A 219 -14.14 -6.36 -12.08
C ILE A 219 -12.98 -7.27 -12.52
N ASP A 220 -12.31 -6.81 -13.58
CA ASP A 220 -11.05 -7.38 -14.08
C ASP A 220 -11.19 -8.68 -14.81
N PHE A 221 -11.50 -8.55 -16.09
CA PHE A 221 -11.82 -9.69 -16.93
C PHE A 221 -10.71 -10.01 -17.90
N GLY A 222 -9.50 -9.56 -17.56
CA GLY A 222 -8.31 -9.84 -18.36
C GLY A 222 -7.88 -11.29 -18.50
N LYS A 223 -8.27 -12.18 -17.58
CA LYS A 223 -7.91 -13.59 -17.66
C LYS A 223 -9.16 -14.48 -17.73
N THR A 224 -10.26 -13.90 -18.18
CA THR A 224 -11.52 -14.61 -18.24
C THR A 224 -11.71 -15.03 -19.69
N THR A 225 -11.86 -16.33 -19.91
CA THR A 225 -11.72 -16.91 -21.23
C THR A 225 -12.85 -17.89 -21.54
N PRO A 226 -13.37 -17.87 -22.77
CA PRO A 226 -14.40 -18.83 -23.16
C PRO A 226 -13.95 -20.30 -23.14
N LEU A 227 -14.86 -21.14 -22.70
CA LEU A 227 -14.74 -22.59 -22.85
C LEU A 227 -15.08 -22.92 -24.31
N PRO A 228 -14.43 -23.91 -24.90
CA PRO A 228 -14.80 -24.31 -26.27
C PRO A 228 -16.13 -25.02 -26.28
N ASP A 229 -16.95 -24.74 -27.30
CA ASP A 229 -18.00 -25.66 -27.82
C ASP A 229 -19.00 -26.21 -26.81
N GLY A 230 -19.78 -25.32 -26.19
CA GLY A 230 -20.81 -25.75 -25.25
C GLY A 230 -20.30 -26.57 -24.07
N GLN A 231 -19.00 -26.53 -23.77
CA GLN A 231 -18.55 -27.11 -22.52
C GLN A 231 -18.86 -26.04 -21.49
N ILE A 232 -19.31 -26.45 -20.31
CA ILE A 232 -19.66 -25.51 -19.24
C ILE A 232 -19.00 -25.93 -17.94
N LEU A 233 -18.91 -24.99 -17.01
CA LEU A 233 -18.39 -25.23 -15.68
C LEU A 233 -19.50 -25.07 -14.64
N ASP A 234 -19.39 -25.79 -13.53
CA ASP A 234 -20.26 -25.54 -12.38
C ASP A 234 -19.70 -24.53 -11.34
N HIS A 235 -18.39 -24.21 -11.43
CA HIS A 235 -17.78 -23.13 -10.60
C HIS A 235 -17.71 -23.40 -9.08
N ARG A 236 -17.96 -24.65 -8.67
CA ARG A 236 -17.86 -25.10 -7.31
C ARG A 236 -16.93 -26.32 -7.14
N ARG A 237 -16.96 -27.27 -8.08
CA ARG A 237 -16.14 -28.48 -7.96
C ARG A 237 -14.64 -28.17 -7.99
N PRO A 238 -13.86 -29.00 -7.30
CA PRO A 238 -12.40 -28.84 -7.30
C PRO A 238 -11.78 -28.72 -8.69
N TRP A 239 -10.73 -27.91 -8.80
CA TRP A 239 -9.95 -27.80 -10.03
C TRP A 239 -8.96 -28.92 -10.11
N GLU A 240 -9.01 -29.64 -11.25
CA GLU A 240 -8.00 -30.61 -11.66
C GLU A 240 -7.59 -30.30 -13.11
N GLU A 241 -6.29 -30.12 -13.35
CA GLU A 241 -5.82 -29.73 -14.67
C GLU A 241 -6.53 -30.49 -15.81
N GLY A 242 -7.13 -29.73 -16.72
CA GLY A 242 -7.99 -30.28 -17.76
C GLY A 242 -9.44 -29.85 -17.61
N ASN A 243 -9.95 -29.74 -16.38
CA ASN A 243 -11.39 -29.45 -16.20
C ASN A 243 -11.70 -27.95 -16.13
N ARG A 244 -10.67 -27.12 -15.97
CA ARG A 244 -10.75 -25.67 -16.16
C ARG A 244 -11.66 -24.98 -15.14
N GLU A 245 -11.94 -25.68 -14.06
CA GLU A 245 -12.76 -25.20 -12.98
C GLU A 245 -12.01 -24.14 -12.20
N ASP A 246 -12.72 -23.08 -11.84
CA ASP A 246 -12.13 -21.93 -11.13
C ASP A 246 -12.53 -21.78 -9.67
N GLY A 247 -13.48 -22.61 -9.21
CA GLY A 247 -14.00 -22.49 -7.87
C GLY A 247 -14.57 -21.10 -7.50
N TYR A 248 -14.98 -20.32 -8.50
CA TYR A 248 -15.51 -18.97 -8.29
C TYR A 248 -16.66 -18.96 -7.27
N LEU A 249 -17.65 -19.83 -7.47
CA LEU A 249 -18.80 -19.88 -6.59
C LEU A 249 -18.57 -20.50 -5.20
N LEU A 250 -17.59 -21.40 -5.08
CA LEU A 250 -17.11 -21.87 -3.79
C LEU A 250 -16.67 -20.64 -3.01
N GLY A 251 -15.87 -19.78 -3.63
CA GLY A 251 -15.43 -18.52 -3.04
C GLY A 251 -16.57 -17.60 -2.68
N LEU A 252 -17.55 -17.45 -3.58
CA LEU A 252 -18.68 -16.54 -3.30
C LEU A 252 -19.55 -17.10 -2.15
N ASP A 253 -19.80 -18.40 -2.16
CA ASP A 253 -20.50 -19.10 -1.06
C ASP A 253 -19.84 -18.83 0.26
N ASN A 254 -18.53 -18.99 0.31
CA ASN A 254 -17.76 -18.85 1.51
C ASN A 254 -17.76 -17.41 1.98
N LEU A 255 -17.63 -16.47 1.04
CA LEU A 255 -17.63 -15.05 1.36
C LEU A 255 -18.97 -14.59 1.98
N ILE A 256 -20.07 -15.02 1.36
CA ILE A 256 -21.37 -14.74 1.89
C ILE A 256 -21.48 -15.31 3.29
N GLY A 257 -21.00 -16.53 3.52
CA GLY A 257 -21.07 -17.17 4.84
C GLY A 257 -20.34 -16.38 5.89
N ILE A 258 -19.20 -15.81 5.51
CA ILE A 258 -18.40 -15.05 6.45
C ILE A 258 -19.05 -13.73 6.79
N LEU A 259 -19.56 -13.02 5.78
CA LEU A 259 -20.33 -11.81 6.03
C LEU A 259 -21.62 -12.05 6.84
N ALA A 260 -22.31 -13.14 6.60
CA ALA A 260 -23.49 -13.48 7.38
C ALA A 260 -23.11 -13.77 8.84
N SER A 261 -21.95 -14.41 9.04
CA SER A 261 -21.49 -14.74 10.37
C SER A 261 -21.15 -13.45 11.11
N LEU A 262 -20.46 -12.56 10.42
CA LEU A 262 -20.09 -11.27 10.96
C LEU A 262 -21.32 -10.50 11.40
N ALA A 263 -22.38 -10.60 10.59
CA ALA A 263 -23.58 -9.84 10.86
C ALA A 263 -24.23 -10.25 12.17
N GLU A 264 -24.08 -11.52 12.54
CA GLU A 264 -24.70 -12.09 13.75
C GLU A 264 -23.83 -11.95 15.00
N ARG A 265 -22.61 -11.43 14.85
CA ARG A 265 -21.76 -11.18 16.01
C ARG A 265 -22.34 -9.99 16.74
N SER B 1 7.67 12.01 -8.20
CA SER B 1 8.70 12.45 -7.21
C SER B 1 10.10 11.84 -7.47
N PHE B 2 10.17 10.50 -7.48
CA PHE B 2 11.41 9.79 -7.77
C PHE B 2 11.46 9.19 -9.20
N LYS B 3 12.63 9.24 -9.82
CA LYS B 3 12.93 8.52 -11.05
C LYS B 3 14.23 7.72 -10.97
N ALA B 4 14.29 6.60 -11.67
CA ALA B 4 15.49 5.78 -11.69
C ALA B 4 16.68 6.57 -12.25
N ALA B 5 17.86 6.43 -11.62
CA ALA B 5 19.08 7.09 -12.09
C ALA B 5 19.72 6.32 -13.24
N GLY B 6 20.80 6.86 -13.78
CA GLY B 6 21.58 6.18 -14.79
C GLY B 6 22.47 5.09 -14.20
N THR B 7 23.10 5.38 -13.04
CA THR B 7 24.06 4.48 -12.40
C THR B 7 23.48 3.63 -11.27
N SER B 8 24.04 2.44 -11.09
CA SER B 8 23.65 1.57 -9.98
C SER B 8 23.98 2.31 -8.68
N GLY B 9 23.19 2.03 -7.66
CA GLY B 9 23.34 2.65 -6.36
C GLY B 9 22.69 4.02 -6.19
N LEU B 10 22.23 4.63 -7.28
CA LEU B 10 21.71 5.99 -7.23
C LEU B 10 20.23 6.05 -7.58
N ILE B 11 19.62 7.19 -7.25
CA ILE B 11 18.21 7.43 -7.49
C ILE B 11 18.06 8.94 -7.60
N LEU B 12 17.07 9.38 -8.38
CA LEU B 12 16.87 10.80 -8.68
C LEU B 12 15.62 11.28 -7.98
N LYS B 13 15.69 12.47 -7.39
CA LYS B 13 14.58 13.05 -6.68
C LYS B 13 14.39 14.44 -7.22
N ARG B 14 13.15 14.76 -7.56
CA ARG B 14 12.82 16.06 -8.11
C ARG B 14 13.40 17.10 -7.18
N CYS B 15 14.18 18.00 -7.74
CA CYS B 15 14.90 18.99 -6.97
C CYS B 15 14.00 20.12 -6.51
N SER B 16 14.09 20.44 -5.22
CA SER B 16 13.47 21.63 -4.62
C SER B 16 14.60 22.38 -3.93
N GLU B 17 14.57 23.70 -3.93
CA GLU B 17 15.75 24.45 -3.48
C GLU B 17 16.04 24.30 -1.98
N PRO B 18 15.00 24.30 -1.14
CA PRO B 18 15.22 24.07 0.29
C PRO B 18 15.92 22.71 0.52
N GLU B 19 15.47 21.67 -0.16
CA GLU B 19 16.10 20.37 0.01
C GLU B 19 17.54 20.33 -0.49
N ARG B 20 17.80 20.93 -1.65
CA ARG B 20 19.18 21.01 -2.18
C ARG B 20 20.06 21.80 -1.24
N TYR B 21 19.53 22.88 -0.70
CA TYR B 21 20.30 23.75 0.16
C TYR B 21 20.74 22.90 1.36
N CYS B 22 19.82 22.07 1.85
CA CYS B 22 20.06 21.27 3.08
C CYS B 22 21.06 20.15 2.86
N LEU B 23 20.85 19.40 1.79
CA LEU B 23 21.72 18.25 1.49
C LEU B 23 23.13 18.67 1.20
N ALA B 24 23.30 19.83 0.56
CA ALA B 24 24.64 20.40 0.36
C ALA B 24 25.34 20.66 1.69
N ARG B 25 24.64 21.29 2.63
CA ARG B 25 25.15 21.51 3.99
C ARG B 25 25.43 20.21 4.76
N LEU B 26 24.54 19.24 4.59
CA LEU B 26 24.64 18.01 5.38
C LEU B 26 25.86 17.21 4.96
N MET B 27 26.28 17.32 3.69
CA MET B 27 27.48 16.60 3.24
C MET B 27 28.73 17.09 3.95
N ALA B 28 28.69 18.30 4.48
CA ALA B 28 29.84 18.82 5.22
C ALA B 28 29.57 18.96 6.72
N ASP B 29 28.53 18.29 7.20
CA ASP B 29 28.13 18.34 8.60
C ASP B 29 28.43 17.00 9.27
N ALA B 30 28.46 17.03 10.58
CA ALA B 30 28.43 15.82 11.41
C ALA B 30 27.42 14.78 10.98
N LEU B 31 26.28 15.21 10.40
CA LEU B 31 25.21 14.33 9.96
C LEU B 31 25.42 13.68 8.59
N ARG B 32 26.55 13.94 7.95
CA ARG B 32 26.86 13.39 6.64
C ARG B 32 26.49 11.90 6.50
N GLY B 33 26.92 11.10 7.47
CA GLY B 33 26.69 9.66 7.51
C GLY B 33 25.25 9.21 7.80
N CYS B 34 24.42 10.14 8.27
CA CYS B 34 23.08 9.85 8.77
C CYS B 34 21.99 10.17 7.75
N VAL B 35 22.42 10.57 6.55
CA VAL B 35 21.54 11.01 5.47
C VAL B 35 22.04 10.40 4.15
N PRO B 36 21.16 10.27 3.15
CA PRO B 36 21.60 9.75 1.82
C PRO B 36 22.68 10.64 1.22
N ALA B 37 23.73 10.02 0.68
CA ALA B 37 24.71 10.77 -0.09
C ALA B 37 24.02 11.62 -1.18
N PHE B 38 24.40 12.89 -1.25
CA PHE B 38 23.93 13.82 -2.28
C PHE B 38 25.07 14.15 -3.23
N HIS B 39 24.92 13.83 -4.52
CA HIS B 39 26.04 13.98 -5.45
C HIS B 39 25.96 15.21 -6.35
N GLY B 40 24.91 16.00 -6.18
CA GLY B 40 24.73 17.18 -7.01
C GLY B 40 23.40 17.14 -7.74
N VAL B 41 23.17 18.13 -8.62
CA VAL B 41 21.92 18.25 -9.36
C VAL B 41 22.18 17.97 -10.84
N VAL B 42 21.31 17.19 -11.44
CA VAL B 42 21.39 16.90 -12.86
C VAL B 42 20.12 17.40 -13.55
N GLU B 43 20.25 17.74 -14.83
CA GLU B 43 19.10 17.99 -15.67
C GLU B 43 18.78 16.69 -16.38
N ARG B 44 17.63 16.09 -16.07
CA ARG B 44 17.14 14.98 -16.87
C ARG B 44 15.90 15.43 -17.62
N ASP B 45 16.14 15.71 -18.90
CA ASP B 45 15.14 15.65 -19.96
C ASP B 45 13.85 16.30 -19.48
N GLY B 46 13.94 17.62 -19.30
CA GLY B 46 12.86 18.45 -18.78
C GLY B 46 13.23 19.17 -17.50
N GLU B 47 13.44 18.41 -16.42
CA GLU B 47 13.52 18.99 -15.07
C GLU B 47 14.82 18.65 -14.30
N SER B 48 15.01 19.34 -13.18
CA SER B 48 16.23 19.22 -12.37
C SER B 48 16.03 18.14 -11.32
N TYR B 49 17.10 17.43 -10.97
CA TYR B 49 16.99 16.29 -10.05
C TYR B 49 18.20 16.20 -9.10
N LEU B 50 17.91 16.02 -7.83
CA LEU B 50 18.92 15.65 -6.85
C LEU B 50 19.36 14.22 -7.16
N GLN B 51 20.66 14.01 -7.29
CA GLN B 51 21.18 12.65 -7.42
C GLN B 51 21.60 12.14 -6.05
N LEU B 52 20.86 11.14 -5.59
CA LEU B 52 21.03 10.63 -4.24
C LEU B 52 21.43 9.19 -4.23
N GLN B 53 22.11 8.83 -3.16
CA GLN B 53 22.30 7.44 -2.82
C GLN B 53 20.94 6.79 -2.76
N ASP B 54 20.82 5.62 -3.36
CA ASP B 54 19.67 4.74 -3.15
C ASP B 54 19.90 3.91 -1.91
N LEU B 55 19.23 4.28 -0.83
CA LEU B 55 19.40 3.62 0.47
C LEU B 55 19.03 2.13 0.48
N LEU B 56 18.22 1.70 -0.48
CA LEU B 56 17.87 0.27 -0.57
C LEU B 56 18.93 -0.61 -1.26
N ASP B 57 19.97 0.02 -1.81
CA ASP B 57 20.94 -0.71 -2.64
C ASP B 57 21.58 -1.88 -1.90
N GLY B 58 22.08 -1.65 -0.70
CA GLY B 58 22.74 -2.70 0.02
C GLY B 58 21.90 -3.91 0.38
N PHE B 59 20.58 -3.81 0.30
CA PHE B 59 19.74 -4.80 0.96
C PHE B 59 19.20 -5.81 -0.05
N ASP B 60 18.85 -6.98 0.45
CA ASP B 60 18.25 -8.03 -0.38
C ASP B 60 16.76 -8.15 -0.04
N GLY B 61 15.93 -7.47 -0.82
CA GLY B 61 14.47 -7.43 -0.63
C GLY B 61 14.11 -6.75 0.69
N PRO B 62 14.43 -5.46 0.80
CA PRO B 62 14.30 -4.75 2.08
C PRO B 62 12.84 -4.45 2.47
N CYS B 63 12.57 -4.51 3.78
CA CYS B 63 11.39 -3.90 4.40
C CYS B 63 11.75 -2.48 4.80
N VAL B 64 10.79 -1.59 4.67
CA VAL B 64 11.03 -0.18 4.89
C VAL B 64 9.93 0.40 5.73
N LEU B 65 10.28 1.19 6.73
CA LEU B 65 9.32 1.89 7.55
C LEU B 65 9.70 3.36 7.57
N ASP B 66 8.71 4.22 7.30
CA ASP B 66 8.92 5.65 7.21
C ASP B 66 8.26 6.34 8.40
N CYS B 67 9.07 7.06 9.16
CA CYS B 67 8.58 7.66 10.38
C CYS B 67 8.76 9.19 10.30
N LYS B 68 7.64 9.93 10.25
CA LYS B 68 7.71 11.39 10.15
C LYS B 68 8.06 11.94 11.56
N MET B 69 9.13 12.74 11.62
CA MET B 69 9.65 13.29 12.87
C MET B 69 9.15 14.70 13.18
N GLY B 70 8.90 14.94 14.46
CA GLY B 70 8.48 16.25 14.94
C GLY B 70 7.06 16.28 15.55
N VAL B 71 6.90 17.14 16.52
CA VAL B 71 5.61 17.40 17.12
C VAL B 71 4.72 18.23 16.17
N ARG B 72 5.38 18.97 15.30
CA ARG B 72 4.75 19.86 14.32
C ARG B 72 5.26 19.50 12.90
N THR B 73 4.32 19.51 11.95
CA THR B 73 4.51 19.03 10.58
C THR B 73 4.26 20.07 9.48
N TYR B 74 4.08 21.34 9.87
CA TYR B 74 3.87 22.44 8.92
C TYR B 74 4.74 23.59 9.44
N LEU B 75 5.09 24.52 8.57
CA LEU B 75 5.92 25.67 8.96
C LEU B 75 5.03 26.72 9.66
N GLU B 76 5.61 27.56 10.49
CA GLU B 76 4.86 28.64 11.17
C GLU B 76 4.29 29.66 10.19
N GLU B 77 4.91 29.79 9.01
CA GLU B 77 4.35 30.58 7.89
C GLU B 77 2.86 30.34 7.60
N GLU B 78 2.39 29.10 7.76
CA GLU B 78 1.01 28.72 7.42
C GLU B 78 -0.09 29.31 8.30
N LEU B 79 0.27 29.69 9.53
CA LEU B 79 -0.68 30.18 10.52
C LEU B 79 -1.00 31.67 10.32
N THR B 80 0.07 32.43 10.03
CA THR B 80 -0.03 33.78 9.49
C THR B 80 -1.15 33.84 8.41
N LYS B 81 -1.26 32.75 7.66
CA LYS B 81 -2.30 32.55 6.65
C LYS B 81 -3.54 31.85 7.25
N LYS B 87 -6.22 30.54 2.78
CA LYS B 87 -6.47 29.73 1.60
C LYS B 87 -7.22 28.46 2.00
N LEU B 88 -8.25 28.11 1.23
CA LEU B 88 -9.09 26.95 1.52
C LEU B 88 -8.66 25.76 0.64
N ARG B 89 -8.44 24.61 1.27
CA ARG B 89 -7.93 23.42 0.61
C ARG B 89 -9.02 22.36 0.47
N LYS B 90 -9.57 22.25 -0.73
CA LYS B 90 -10.65 21.32 -1.01
C LYS B 90 -10.16 19.86 -0.89
N ASP B 91 -8.97 19.60 -1.44
CA ASP B 91 -8.33 18.28 -1.33
C ASP B 91 -7.98 17.82 0.10
N MET B 92 -7.83 18.76 1.04
CA MET B 92 -7.61 18.43 2.46
C MET B 92 -8.90 18.15 3.22
N TYR B 93 -10.04 18.64 2.70
CA TYR B 93 -11.36 18.26 3.23
C TYR B 93 -11.59 16.77 3.02
N LYS B 94 -11.28 16.29 1.82
CA LYS B 94 -11.43 14.87 1.47
C LYS B 94 -10.66 13.97 2.43
N LYS B 95 -9.38 14.26 2.63
CA LYS B 95 -8.52 13.46 3.52
C LYS B 95 -9.11 13.34 4.94
N MET B 96 -9.67 14.43 5.46
CA MET B 96 -10.20 14.46 6.84
C MET B 96 -11.53 13.73 6.96
N LEU B 97 -12.52 14.15 6.19
CA LEU B 97 -13.86 13.56 6.28
C LEU B 97 -13.82 12.02 6.23
N ALA B 98 -12.82 11.47 5.56
CA ALA B 98 -12.72 10.03 5.38
C ALA B 98 -11.95 9.24 6.48
N VAL B 99 -11.10 9.92 7.26
CA VAL B 99 -10.65 9.39 8.56
C VAL B 99 -11.78 9.57 9.59
N ASP B 100 -12.20 10.82 9.79
CA ASP B 100 -13.28 11.16 10.71
C ASP B 100 -14.26 12.11 10.00
N PRO B 101 -15.43 11.58 9.63
CA PRO B 101 -16.53 12.39 9.09
C PRO B 101 -17.00 13.51 10.02
N ALA B 113 -13.84 22.03 2.32
CA ALA B 113 -12.50 22.61 2.39
C ALA B 113 -12.10 23.03 3.81
N VAL B 114 -10.86 22.69 4.19
CA VAL B 114 -10.26 23.14 5.47
C VAL B 114 -8.97 23.88 5.17
N THR B 115 -8.41 24.57 6.18
CA THR B 115 -7.09 25.20 6.05
C THR B 115 -6.02 24.14 6.26
N LYS B 116 -4.85 24.34 5.66
CA LYS B 116 -3.71 23.42 5.80
C LYS B 116 -3.20 23.29 7.26
N PRO B 117 -3.00 24.38 7.99
CA PRO B 117 -2.56 24.29 9.38
C PRO B 117 -3.55 23.50 10.22
N ARG B 118 -4.83 23.74 10.00
CA ARG B 118 -5.86 23.02 10.72
C ARG B 118 -5.83 21.51 10.45
N TYR B 119 -5.73 21.14 9.17
CA TYR B 119 -5.70 19.74 8.78
C TYR B 119 -4.47 19.08 9.39
N MET B 120 -3.33 19.76 9.30
CA MET B 120 -2.08 19.14 9.75
C MET B 120 -2.05 19.06 11.26
N GLN B 121 -2.66 20.04 11.94
CA GLN B 121 -2.85 19.97 13.40
C GLN B 121 -3.76 18.80 13.81
N TRP B 122 -4.84 18.56 13.06
CA TRP B 122 -5.72 17.44 13.37
C TRP B 122 -4.94 16.13 13.17
N ARG B 123 -4.22 16.01 12.04
CA ARG B 123 -3.45 14.78 11.75
C ARG B 123 -2.49 14.52 12.90
N GLU B 124 -1.96 15.60 13.47
CA GLU B 124 -0.95 15.52 14.52
C GLU B 124 -1.51 14.95 15.80
N GLY B 125 -2.75 15.31 16.12
CA GLY B 125 -3.40 14.89 17.35
C GLY B 125 -4.02 13.50 17.37
N ILE B 126 -4.51 13.02 16.24
CA ILE B 126 -5.07 11.66 16.21
C ILE B 126 -3.98 10.56 16.09
N SER B 127 -2.81 10.95 15.57
CA SER B 127 -1.64 10.09 15.57
C SER B 127 -0.81 10.39 16.83
N SER B 128 0.42 9.88 16.85
CA SER B 128 1.36 10.07 17.94
C SER B 128 2.18 11.34 17.84
N SER B 129 1.95 12.17 16.81
CA SER B 129 2.85 13.29 16.56
C SER B 129 2.85 14.25 17.74
N THR B 130 1.66 14.64 18.18
CA THR B 130 1.55 15.70 19.15
C THR B 130 2.17 15.30 20.49
N THR B 131 1.87 14.09 20.94
CA THR B 131 2.34 13.67 22.27
C THR B 131 3.73 13.03 22.28
N LEU B 132 4.07 12.32 21.20
CA LEU B 132 5.33 11.56 21.18
C LEU B 132 6.41 12.13 20.32
N GLY B 133 6.06 13.02 19.42
CA GLY B 133 7.03 13.72 18.59
C GLY B 133 7.51 13.01 17.35
N PHE B 134 6.71 12.04 16.88
CA PHE B 134 6.94 11.27 15.65
C PHE B 134 5.64 10.53 15.32
N ARG B 135 5.52 10.13 14.06
CA ARG B 135 4.46 9.24 13.67
C ARG B 135 4.90 8.31 12.53
N ILE B 136 4.47 7.09 12.61
CA ILE B 136 4.66 6.13 11.55
C ILE B 136 3.74 6.44 10.40
N GLU B 137 4.30 6.60 9.21
CA GLU B 137 3.52 6.92 8.04
C GLU B 137 3.18 5.68 7.24
N GLY B 138 4.15 4.79 7.09
CA GLY B 138 3.95 3.64 6.23
C GLY B 138 5.01 2.57 6.35
N ILE B 139 4.71 1.42 5.78
CA ILE B 139 5.60 0.27 5.75
C ILE B 139 5.49 -0.33 4.37
N LYS B 140 6.61 -0.76 3.83
CA LYS B 140 6.66 -1.49 2.57
C LYS B 140 7.46 -2.73 2.85
N LYS B 141 6.87 -3.90 2.63
CA LYS B 141 7.37 -5.18 3.15
C LYS B 141 8.11 -5.84 2.03
N ALA B 142 9.02 -6.76 2.40
CA ALA B 142 9.76 -7.57 1.42
C ALA B 142 8.79 -8.49 0.63
N ASP B 143 7.65 -8.81 1.24
CA ASP B 143 6.61 -9.57 0.52
C ASP B 143 5.74 -8.74 -0.49
N GLY B 144 6.09 -7.45 -0.73
CA GLY B 144 5.50 -6.63 -1.79
C GLY B 144 4.40 -5.72 -1.28
N SER B 145 3.89 -6.14 -0.11
CA SER B 145 2.89 -5.46 0.63
C SER B 145 3.36 -4.09 1.00
N CYS B 146 2.35 -3.27 1.26
CA CYS B 146 2.47 -1.84 1.36
C CYS B 146 1.34 -1.43 2.31
N SER B 147 1.61 -0.60 3.30
CA SER B 147 0.53 -0.12 4.17
C SER B 147 0.79 1.26 4.66
N THR B 148 -0.22 2.12 4.60
CA THR B 148 -0.18 3.46 5.20
C THR B 148 -1.31 3.67 6.22
N ASP B 149 -1.91 2.58 6.66
CA ASP B 149 -3.09 2.58 7.52
C ASP B 149 -2.61 2.83 8.98
N PHE B 150 -2.07 4.04 9.21
CA PHE B 150 -1.46 4.36 10.49
C PHE B 150 -1.95 5.68 11.09
N LYS B 151 -3.03 6.21 10.51
CA LYS B 151 -3.53 7.56 10.83
C LYS B 151 -3.95 7.76 12.29
N THR B 152 -4.35 6.69 12.98
CA THR B 152 -4.74 6.75 14.42
C THR B 152 -3.86 5.91 15.31
N THR B 153 -2.60 5.70 14.89
CA THR B 153 -1.63 4.98 15.70
C THR B 153 -1.02 6.03 16.64
N ARG B 154 -1.41 5.99 17.90
CA ARG B 154 -1.15 7.09 18.86
C ARG B 154 -0.39 6.74 20.11
N SER B 155 -0.85 5.71 20.79
CA SER B 155 -0.34 5.32 22.08
C SER B 155 1.04 4.70 21.90
N ARG B 156 1.85 4.85 22.94
CA ARG B 156 3.16 4.26 23.00
C ARG B 156 3.08 2.77 22.62
N GLU B 157 2.13 2.07 23.23
CA GLU B 157 1.98 0.66 23.01
C GLU B 157 1.48 0.32 21.60
N GLN B 158 0.65 1.19 21.00
CA GLN B 158 0.25 1.02 19.62
C GLN B 158 1.45 1.12 18.70
N VAL B 159 2.31 2.10 18.98
CA VAL B 159 3.50 2.33 18.17
C VAL B 159 4.41 1.14 18.37
N LEU B 160 4.55 0.67 19.60
CA LEU B 160 5.39 -0.47 19.87
C LEU B 160 4.94 -1.71 19.09
N ARG B 161 3.63 -1.95 19.01
CA ARG B 161 3.11 -3.07 18.27
C ARG B 161 3.37 -3.00 16.74
N VAL B 162 3.34 -1.82 16.16
CA VAL B 162 3.70 -1.65 14.76
C VAL B 162 5.17 -2.03 14.54
N PHE B 163 6.06 -1.56 15.41
CA PHE B 163 7.43 -1.96 15.21
C PHE B 163 7.67 -3.45 15.45
N GLU B 164 6.99 -4.05 16.44
CA GLU B 164 7.04 -5.48 16.68
C GLU B 164 6.69 -6.28 15.40
N GLU B 165 5.63 -5.88 14.71
CA GLU B 165 5.23 -6.55 13.47
C GLU B 165 6.23 -6.31 12.33
N PHE B 166 6.78 -5.09 12.29
CA PHE B 166 7.77 -4.73 11.29
C PHE B 166 9.03 -5.62 11.41
N VAL B 167 9.56 -5.79 12.62
CA VAL B 167 10.80 -6.56 12.76
C VAL B 167 10.62 -8.08 12.81
N GLN B 168 9.37 -8.56 13.00
CA GLN B 168 9.09 -10.01 12.96
C GLN B 168 9.98 -10.88 13.82
N GLY B 169 10.28 -10.47 15.04
CA GLY B 169 11.10 -11.25 15.95
C GLY B 169 12.59 -11.36 15.65
N ASP B 170 13.11 -10.55 14.73
CA ASP B 170 14.55 -10.58 14.39
C ASP B 170 15.31 -9.71 15.41
N GLU B 171 15.88 -10.36 16.43
CA GLU B 171 16.57 -9.66 17.51
C GLU B 171 17.75 -8.84 16.98
N GLU B 172 18.48 -9.39 16.00
CA GLU B 172 19.64 -8.70 15.41
C GLU B 172 19.23 -7.42 14.68
N VAL B 173 18.12 -7.45 13.94
CA VAL B 173 17.66 -6.23 13.24
C VAL B 173 17.32 -5.18 14.31
N LEU B 174 16.59 -5.60 15.34
CA LEU B 174 16.15 -4.65 16.36
C LEU B 174 17.38 -4.05 17.11
N ARG B 175 18.38 -4.89 17.41
CA ARG B 175 19.58 -4.42 18.09
C ARG B 175 20.31 -3.39 17.24
N ARG B 176 20.42 -3.67 15.96
CA ARG B 176 21.11 -2.82 14.99
C ARG B 176 20.35 -1.51 14.79
N TYR B 177 19.03 -1.58 14.73
CA TYR B 177 18.25 -0.33 14.74
C TYR B 177 18.54 0.54 15.95
N LEU B 178 18.51 -0.08 17.11
CA LEU B 178 18.71 0.68 18.31
C LEU B 178 20.11 1.28 18.37
N ASN B 179 21.12 0.55 17.89
CA ASN B 179 22.50 1.07 17.97
C ASN B 179 22.60 2.24 17.03
N ARG B 180 21.91 2.16 15.89
CA ARG B 180 21.95 3.25 14.91
C ARG B 180 21.24 4.51 15.40
N LEU B 181 20.10 4.36 16.03
CA LEU B 181 19.34 5.47 16.58
C LEU B 181 20.11 6.18 17.68
N GLN B 182 20.86 5.44 18.49
CA GLN B 182 21.67 6.00 19.59
C GLN B 182 22.80 6.89 18.99
N GLN B 183 23.41 6.35 17.95
CA GLN B 183 24.47 7.04 17.22
C GLN B 183 23.97 8.26 16.48
N ILE B 184 22.78 8.18 15.88
CA ILE B 184 22.17 9.31 15.22
C ILE B 184 21.82 10.39 16.23
N ARG B 185 21.32 9.98 17.41
CA ARG B 185 20.95 10.94 18.44
C ARG B 185 22.23 11.68 18.91
N ASP B 186 23.29 10.93 19.16
CA ASP B 186 24.55 11.58 19.53
C ASP B 186 25.08 12.59 18.45
N THR B 187 24.93 12.24 17.18
CA THR B 187 25.34 13.09 16.09
C THR B 187 24.51 14.37 15.99
N LEU B 188 23.20 14.21 16.12
CA LEU B 188 22.25 15.33 16.15
C LEU B 188 22.53 16.31 17.27
N GLU B 189 22.86 15.79 18.45
CA GLU B 189 23.15 16.65 19.59
C GLU B 189 24.40 17.53 19.38
N VAL B 190 25.32 17.11 18.53
CA VAL B 190 26.56 17.90 18.25
C VAL B 190 26.55 18.64 16.89
N SER B 191 25.63 18.29 16.00
CA SER B 191 25.57 18.82 14.64
C SER B 191 25.38 20.34 14.58
N GLU B 192 26.30 21.05 13.87
CA GLU B 192 26.19 22.51 13.70
C GLU B 192 24.91 22.78 12.89
N PHE B 193 24.64 21.93 11.91
CA PHE B 193 23.47 22.11 11.07
C PHE B 193 22.20 22.00 11.90
N PHE B 194 22.13 20.94 12.70
CA PHE B 194 20.87 20.65 13.36
C PHE B 194 20.51 21.75 14.34
N ARG B 195 21.51 22.33 15.02
CA ARG B 195 21.23 23.34 16.07
C ARG B 195 20.64 24.63 15.48
N ARG B 196 20.95 24.87 14.19
CA ARG B 196 20.60 26.12 13.48
C ARG B 196 19.49 25.98 12.46
N HIS B 197 18.85 24.81 12.38
CA HIS B 197 17.75 24.62 11.45
C HIS B 197 16.51 24.11 12.16
N GLU B 198 15.37 24.52 11.62
CA GLU B 198 14.07 24.03 11.99
C GLU B 198 13.74 22.86 11.07
N VAL B 199 13.56 21.67 11.64
CA VAL B 199 13.50 20.44 10.86
C VAL B 199 12.06 19.94 10.88
N ILE B 200 11.28 20.30 9.85
CA ILE B 200 9.86 19.96 9.79
C ILE B 200 9.60 19.11 8.56
N GLY B 201 8.75 18.10 8.69
CA GLY B 201 8.36 17.28 7.56
C GLY B 201 9.37 16.21 7.16
N SER B 202 10.44 16.05 7.93
CA SER B 202 11.43 15.03 7.61
C SER B 202 11.07 13.70 8.20
N SER B 203 11.73 12.67 7.70
CA SER B 203 11.51 11.33 8.16
C SER B 203 12.76 10.64 8.58
N LEU B 204 12.59 9.60 9.40
CA LEU B 204 13.63 8.60 9.60
C LEU B 204 13.10 7.42 8.81
N LEU B 205 13.99 6.83 8.03
CA LEU B 205 13.67 5.70 7.14
C LEU B 205 14.42 4.48 7.65
N PHE B 206 13.64 3.51 8.14
CA PHE B 206 14.18 2.25 8.64
C PHE B 206 14.15 1.25 7.52
N VAL B 207 15.29 0.60 7.30
CA VAL B 207 15.41 -0.42 6.24
C VAL B 207 16.10 -1.62 6.83
N HIS B 208 15.46 -2.77 6.66
CA HIS B 208 16.12 -4.01 6.99
C HIS B 208 15.79 -5.13 5.99
N ASP B 209 16.50 -6.25 6.11
CA ASP B 209 16.25 -7.40 5.23
C ASP B 209 16.43 -8.72 5.97
N HIS B 210 16.15 -9.83 5.27
CA HIS B 210 16.13 -11.17 5.87
C HIS B 210 17.53 -11.66 6.20
N CYS B 211 18.56 -11.05 5.61
CA CYS B 211 19.92 -11.30 6.04
C CYS B 211 20.35 -10.52 7.28
N HIS B 212 19.39 -9.87 7.95
CA HIS B 212 19.64 -9.12 9.19
C HIS B 212 20.36 -7.79 9.02
N ARG B 213 20.58 -7.33 7.79
CA ARG B 213 21.08 -5.96 7.59
C ARG B 213 20.03 -4.92 8.04
N ALA B 214 20.47 -3.87 8.72
CA ALA B 214 19.56 -2.84 9.22
C ALA B 214 20.25 -1.50 9.06
N GLY B 215 19.51 -0.51 8.61
CA GLY B 215 20.02 0.83 8.51
C GLY B 215 18.93 1.81 8.82
N VAL B 216 19.29 3.04 9.20
CA VAL B 216 18.32 4.12 9.41
C VAL B 216 18.97 5.44 8.93
N TRP B 217 18.22 6.23 8.21
CA TRP B 217 18.71 7.51 7.73
C TRP B 217 17.63 8.57 7.90
N LEU B 218 18.06 9.82 8.03
CA LEU B 218 17.17 10.97 7.92
C LEU B 218 16.95 11.31 6.43
N ILE B 219 15.70 11.53 6.05
CA ILE B 219 15.39 11.95 4.68
C ILE B 219 14.36 13.10 4.70
N ASP B 220 14.22 13.72 3.51
CA ASP B 220 13.18 14.68 3.14
C ASP B 220 13.40 15.98 3.89
N PHE B 221 14.23 16.84 3.30
CA PHE B 221 14.53 18.16 3.86
C PHE B 221 13.86 19.32 3.07
N GLY B 222 12.71 19.04 2.45
CA GLY B 222 11.98 20.03 1.66
C GLY B 222 11.33 21.13 2.52
N LYS B 223 11.20 20.86 3.82
CA LYS B 223 10.67 21.84 4.79
C LYS B 223 11.62 22.12 5.97
N THR B 224 12.92 21.91 5.76
CA THR B 224 13.91 22.27 6.74
C THR B 224 14.55 23.60 6.38
N THR B 225 14.57 24.54 7.32
CA THR B 225 14.97 25.91 7.04
C THR B 225 15.82 26.53 8.14
N PRO B 226 16.72 27.43 7.75
CA PRO B 226 17.66 28.02 8.71
C PRO B 226 16.97 29.01 9.62
N LEU B 227 17.49 29.12 10.84
CA LEU B 227 17.05 30.16 11.75
C LEU B 227 17.89 31.40 11.45
N PRO B 228 17.40 32.58 11.84
CA PRO B 228 18.16 33.84 11.68
C PRO B 228 19.46 33.95 12.49
N ASP B 229 20.32 34.88 12.06
CA ASP B 229 21.69 35.03 12.58
C ASP B 229 21.94 34.56 14.01
N GLY B 230 22.61 33.42 14.13
CA GLY B 230 23.05 32.93 15.44
C GLY B 230 21.93 32.60 16.44
N GLN B 231 20.74 32.26 15.96
CA GLN B 231 19.73 31.66 16.82
C GLN B 231 19.77 30.12 16.65
N ILE B 232 19.50 29.39 17.73
CA ILE B 232 19.43 27.93 17.71
C ILE B 232 18.13 27.39 18.32
N LEU B 233 17.84 26.11 18.09
CA LEU B 233 16.75 25.38 18.73
C LEU B 233 17.35 24.29 19.62
N ASP B 234 16.65 23.91 20.68
CA ASP B 234 17.10 22.72 21.44
C ASP B 234 16.39 21.42 21.02
N HIS B 235 15.28 21.55 20.31
CA HIS B 235 14.61 20.43 19.61
C HIS B 235 13.91 19.46 20.59
N ARG B 236 13.88 19.81 21.86
CA ARG B 236 13.09 19.11 22.83
C ARG B 236 11.95 19.91 23.43
N ARG B 237 12.08 21.24 23.55
CA ARG B 237 11.09 21.96 24.33
C ARG B 237 9.79 22.10 23.51
N PRO B 238 8.69 22.33 24.20
CA PRO B 238 7.40 22.45 23.48
C PRO B 238 7.42 23.56 22.41
N TRP B 239 6.71 23.30 21.32
CA TRP B 239 6.50 24.30 20.30
C TRP B 239 5.44 25.32 20.78
N GLU B 240 5.82 26.60 20.73
CA GLU B 240 4.91 27.73 20.94
C GLU B 240 5.17 28.69 19.78
N GLU B 241 4.12 29.05 19.08
CA GLU B 241 4.23 29.85 17.85
C GLU B 241 5.14 31.03 18.02
N GLY B 242 6.13 31.15 17.15
CA GLY B 242 7.18 32.11 17.31
C GLY B 242 8.53 31.51 17.63
N ASN B 243 8.55 30.43 18.41
CA ASN B 243 9.86 29.84 18.81
C ASN B 243 10.45 28.84 17.82
N ARG B 244 9.63 28.46 16.84
CA ARG B 244 10.03 27.56 15.73
C ARG B 244 10.55 26.17 16.15
N GLU B 245 10.30 25.79 17.40
CA GLU B 245 10.77 24.51 17.93
C GLU B 245 9.97 23.39 17.30
N ASP B 246 10.64 22.27 17.02
CA ASP B 246 10.07 21.20 16.24
C ASP B 246 9.85 19.86 16.99
N GLY B 247 10.26 19.79 18.26
CA GLY B 247 10.16 18.53 19.02
C GLY B 247 10.88 17.32 18.41
N TYR B 248 11.74 17.55 17.44
CA TYR B 248 12.50 16.46 16.78
C TYR B 248 13.16 15.46 17.76
N LEU B 249 13.97 15.98 18.69
CA LEU B 249 14.67 15.11 19.63
C LEU B 249 13.77 14.48 20.66
N LEU B 250 12.70 15.16 21.04
CA LEU B 250 11.69 14.50 21.88
C LEU B 250 11.17 13.22 21.19
N GLY B 251 10.94 13.32 19.89
CA GLY B 251 10.44 12.23 19.07
C GLY B 251 11.49 11.11 19.03
N LEU B 252 12.74 11.47 18.74
CA LEU B 252 13.79 10.46 18.72
C LEU B 252 13.98 9.80 20.09
N ASP B 253 13.96 10.59 21.18
CA ASP B 253 14.06 10.04 22.54
C ASP B 253 12.98 8.98 22.75
N ASN B 254 11.75 9.29 22.33
CA ASN B 254 10.62 8.40 22.56
C ASN B 254 10.71 7.17 21.70
N LEU B 255 11.19 7.34 20.47
CA LEU B 255 11.39 6.20 19.56
C LEU B 255 12.43 5.23 20.08
N ILE B 256 13.54 5.75 20.58
CA ILE B 256 14.56 4.94 21.18
C ILE B 256 13.96 4.22 22.39
N GLY B 257 13.19 4.92 23.23
CA GLY B 257 12.57 4.31 24.42
C GLY B 257 11.67 3.13 24.06
N ILE B 258 10.95 3.32 22.98
CA ILE B 258 9.98 2.35 22.55
C ILE B 258 10.71 1.11 22.02
N LEU B 259 11.65 1.29 21.11
CA LEU B 259 12.47 0.20 20.61
C LEU B 259 13.24 -0.56 21.73
N ALA B 260 13.72 0.16 22.74
CA ALA B 260 14.46 -0.50 23.84
C ALA B 260 13.49 -1.36 24.68
N SER B 261 12.28 -0.85 24.91
CA SER B 261 11.23 -1.62 25.59
C SER B 261 10.88 -2.86 24.79
N LEU B 262 10.70 -2.68 23.50
CA LEU B 262 10.39 -3.80 22.62
C LEU B 262 11.48 -4.88 22.74
N ALA B 263 12.74 -4.46 22.70
CA ALA B 263 13.87 -5.39 22.80
C ALA B 263 13.88 -6.23 24.06
N GLU B 264 13.35 -5.70 25.15
CA GLU B 264 13.38 -6.47 26.42
C GLU B 264 12.19 -7.42 26.58
N ARG B 265 11.16 -7.25 25.75
CA ARG B 265 10.13 -8.27 25.63
C ARG B 265 10.75 -9.51 24.95
PG ANP C . -4.34 -6.01 -10.83
O1G ANP C . -4.82 -7.25 -10.25
O2G ANP C . -4.80 -4.79 -10.04
O3G ANP C . -2.92 -6.18 -10.98
PB ANP C . -5.54 -4.33 -13.02
O1B ANP C . -4.38 -3.39 -13.02
O2B ANP C . -5.98 -4.86 -14.32
N3B ANP C . -5.21 -5.64 -12.21
PA ANP C . -8.21 -3.96 -11.78
O1A ANP C . -8.13 -5.28 -11.11
O2A ANP C . -9.42 -3.94 -12.78
O3A ANP C . -6.87 -3.52 -12.63
O5' ANP C . -8.58 -2.70 -10.76
C5' ANP C . -7.53 -1.99 -9.90
C4' ANP C . -8.03 -1.33 -8.86
O4' ANP C . -8.68 -0.19 -9.53
C3' ANP C . -9.19 -2.04 -8.02
O3' ANP C . -8.88 -2.92 -6.82
C2' ANP C . -10.14 -0.75 -7.84
O2' ANP C . -9.54 0.05 -6.69
C1' ANP C . -10.03 -0.15 -9.21
N9 ANP C . -11.02 -0.12 -10.12
C8 ANP C . -11.23 -1.04 -11.12
N7 ANP C . -12.20 -0.83 -11.93
C5 ANP C . -12.69 0.30 -11.42
C6 ANP C . -13.80 0.98 -11.87
N6 ANP C . -14.58 0.66 -12.93
N1 ANP C . -14.14 2.14 -11.21
C2 ANP C . -13.38 2.56 -10.10
N3 ANP C . -12.33 1.95 -9.56
C4 ANP C . -12.02 0.78 -10.31
C1 I3P D . 0.51 -10.69 -9.42
C2 I3P D . -1.02 -10.89 -9.50
C3 I3P D . -1.59 -10.32 -10.78
C4 I3P D . -0.91 -11.06 -11.91
C5 I3P D . 0.56 -10.82 -11.92
C6 I3P D . 1.29 -11.20 -10.61
O1 I3P D . 1.14 -11.37 -8.28
O2 I3P D . -1.42 -12.27 -9.41
O3 I3P D . -3.01 -10.39 -10.75
O4 I3P D . -1.48 -10.66 -13.12
O5 I3P D . 1.16 -11.58 -13.00
O6 I3P D . 2.67 -10.81 -10.64
P1 I3P D . 1.01 -10.52 -6.86
O11 I3P D . -0.30 -10.01 -6.66
O12 I3P D . 2.00 -9.51 -6.96
O13 I3P D . 1.38 -11.57 -5.87
P4 I3P D . -2.54 -11.51 -13.93
O41 I3P D . -2.92 -10.76 -15.27
O42 I3P D . -3.65 -11.68 -12.99
O43 I3P D . -1.85 -12.77 -14.31
P5 I3P D . 2.25 -11.05 -14.00
O51 I3P D . 1.68 -10.04 -14.97
O52 I3P D . 2.84 -12.20 -14.80
O53 I3P D . 3.47 -10.59 -13.17
MN MN E . -7.25 -7.19 -10.81
S SO4 F . -20.27 -18.32 13.10
O1 SO4 F . -21.42 -17.74 12.42
O2 SO4 F . -19.74 -17.32 14.01
O3 SO4 F . -20.71 -19.49 13.85
O4 SO4 F . -19.21 -18.73 12.19
S SO4 G . -4.70 -11.78 12.45
O1 SO4 G . -6.12 -11.51 12.27
O2 SO4 G . -4.06 -10.62 13.03
O3 SO4 G . -4.50 -12.98 13.24
O4 SO4 G . -4.08 -12.06 11.17
PG ANP H . 6.03 14.09 0.63
O1G ANP H . 5.91 15.05 1.70
O2G ANP H . 5.52 12.73 1.08
O3G ANP H . 5.31 14.67 -0.47
PB ANP H . 8.28 12.68 -0.72
O1B ANP H . 7.37 11.52 -0.96
O2B ANP H . 8.59 13.50 -1.89
N3B ANP H . 7.62 13.61 0.35
PA ANP H . 10.40 11.24 0.74
O1A ANP H . 9.84 11.54 2.08
O2A ANP H . 11.88 11.64 0.74
O3A ANP H . 9.78 12.14 -0.46
O5' ANP H . 10.50 9.62 0.39
C5' ANP H . 9.34 8.71 -0.04
C4' ANP H . 9.63 7.42 0.13
O4' ANP H . 10.71 7.16 -0.88
C3' ANP H . 10.27 6.95 1.51
O3' ANP H . 9.39 6.53 2.68
C2' ANP H . 11.26 5.84 0.94
O2' ANP H . 10.35 4.64 0.60
C1' ANP H . 11.79 6.59 -0.20
N9 ANP H . 13.00 7.10 -0.28
C8 ANP H . 13.35 8.44 -0.09
N7 ANP H . 14.58 8.74 -0.23
C5 ANP H . 15.10 7.56 -0.56
C6 ANP H . 16.41 7.31 -0.86
N6 ANP H . 17.42 8.18 -0.85
N1 ANP H . 16.74 6.00 -1.18
C2 ANP H . 15.74 5.00 -1.20
N3 ANP H . 14.43 5.17 -0.93
C4 ANP H . 14.18 6.51 -0.63
C1 I3P I . 0.45 15.75 3.21
C2 I3P I . 1.79 15.50 3.94
C3 I3P I . 2.95 16.16 3.22
C4 I3P I . 2.64 17.62 3.02
C5 I3P I . 1.41 17.80 2.22
C6 I3P I . 0.12 17.17 2.82
O1 I3P I . -0.77 15.37 4.00
O2 I3P I . 1.83 15.89 5.35
O3 I3P I . 4.13 15.88 3.97
O4 I3P I . 3.70 18.27 2.36
O5 I3P I . 1.24 19.22 1.97
O6 I3P I . -1.09 17.31 2.03
P1 I3P I . -0.97 13.75 4.22
O11 I3P I . 0.22 13.09 4.65
O12 I3P I . -1.44 13.28 2.93
O13 I3P I . -2.03 13.87 5.25
P4 I3P I . 4.80 19.28 2.98
O41 I3P I . 5.83 19.55 1.79
O42 I3P I . 5.35 18.47 4.03
O43 I3P I . 4.14 20.57 3.35
P5 I3P I . 0.96 19.77 0.55
O51 I3P I . 2.18 19.54 -0.33
O52 I3P I . 0.51 21.21 0.51
O53 I3P I . -0.34 19.09 0.11
MN MN J . 8.21 12.75 2.90
S SO4 K . -3.90 -1.50 18.00
O1 SO4 K . -2.46 -1.59 18.10
O2 SO4 K . -4.35 -2.69 17.27
O3 SO4 K . -4.49 -1.52 19.33
O4 SO4 K . -4.34 -0.28 17.32
#